data_2OU7
#
_entry.id   2OU7
#
_cell.length_a   65.958
_cell.length_b   65.958
_cell.length_c   154.045
_cell.angle_alpha   90.00
_cell.angle_beta   90.00
_cell.angle_gamma   120.00
#
_symmetry.space_group_name_H-M   'P 32 2 1'
#
loop_
_entity.id
_entity.type
_entity.pdbx_description
1 polymer 'Serine/threonine-protein kinase PLK1'
2 non-polymer 'ZINC ION'
3 non-polymer 'ACETATE ION'
4 non-polymer 'MAGNESIUM ION'
5 non-polymer 'PHOSPHOAMINOPHOSPHONIC ACID-ADENYLATE ESTER'
6 water water
#
_entity_poly.entity_id   1
_entity_poly.type   'polypeptide(L)'
_entity_poly.pdbx_seq_one_letter_code
;GPAPADPGKAGVPGVAAPGAPAAAPPAKEIPEVLVDPRSRRRYVRGRFLGKGGFAKCFEISDADTKEVFAGKIVPKSLLL
KPHQREKMSMEISIHRSLAHQHVVGFHGFFEDNDFVFVVLELCRRRSLLELHKRRKALTEPEARYYLRQIVLGCQYLHRN
RVIHRDLKLGNLFLNEDLEVKIGDFGLATKVEYDGERKKVLCGTPNYIAPEVLSKKGHSFEVDVWSIGCIMYTLLVGKPP
FETSCLKETYLRIKKNEYSIPKHINPVAASLIQKMLQTDPTARPTINELLNDEFFTSGYIPARLPITCLTIPPRFSIAPS
SLDPSNRKPLTVLNK
;
_entity_poly.pdbx_strand_id   A
#
loop_
_chem_comp.id
_chem_comp.type
_chem_comp.name
_chem_comp.formula
ACT non-polymer 'ACETATE ION' 'C2 H3 O2 -1'
ANP non-polymer 'PHOSPHOAMINOPHOSPHONIC ACID-ADENYLATE ESTER' 'C10 H17 N6 O12 P3'
MG non-polymer 'MAGNESIUM ION' 'Mg 2'
ZN non-polymer 'ZINC ION' 'Zn 2'
#
# COMPACT_ATOMS: atom_id res chain seq x y z
N ALA A 27 -28.27 -16.40 3.02
CA ALA A 27 -26.99 -16.14 3.73
C ALA A 27 -25.79 -16.61 2.91
N LYS A 28 -25.73 -17.91 2.64
CA LYS A 28 -24.60 -18.54 1.94
C LYS A 28 -23.31 -18.47 2.79
N GLU A 29 -23.09 -19.51 3.58
CA GLU A 29 -21.97 -19.56 4.51
C GLU A 29 -20.65 -19.83 3.78
N ILE A 30 -19.55 -19.33 4.36
CA ILE A 30 -18.21 -19.58 3.81
C ILE A 30 -17.75 -20.97 4.26
N PRO A 31 -17.14 -21.76 3.36
CA PRO A 31 -16.75 -23.13 3.70
C PRO A 31 -15.63 -23.19 4.72
N GLU A 32 -15.75 -24.10 5.70
CA GLU A 32 -14.75 -24.23 6.76
C GLU A 32 -13.39 -24.76 6.26
N VAL A 33 -13.41 -25.58 5.20
CA VAL A 33 -12.19 -25.98 4.50
C VAL A 33 -12.27 -25.46 3.06
N LEU A 34 -11.11 -25.11 2.48
CA LEU A 34 -11.02 -24.52 1.14
C LEU A 34 -10.02 -25.30 0.30
N VAL A 35 -10.50 -25.92 -0.77
CA VAL A 35 -9.66 -26.83 -1.57
C VAL A 35 -9.31 -26.23 -2.95
N ASP A 36 -8.04 -26.40 -3.35
CA ASP A 36 -7.54 -25.93 -4.62
C ASP A 36 -7.41 -27.12 -5.58
N PRO A 37 -8.24 -27.17 -6.61
CA PRO A 37 -8.32 -28.36 -7.47
C PRO A 37 -7.08 -28.58 -8.35
N ARG A 38 -6.44 -27.52 -8.83
CA ARG A 38 -5.27 -27.67 -9.70
C ARG A 38 -4.02 -28.02 -8.90
N SER A 39 -3.78 -27.29 -7.81
CA SER A 39 -2.58 -27.47 -6.99
C SER A 39 -2.76 -28.51 -5.88
N ARG A 40 -3.97 -29.07 -5.77
CA ARG A 40 -4.30 -30.12 -4.82
C ARG A 40 -3.99 -29.77 -3.35
N ARG A 41 -4.12 -28.49 -2.99
CA ARG A 41 -3.81 -28.02 -1.63
C ARG A 41 -5.06 -27.64 -0.85
N ARG A 42 -5.17 -28.17 0.37
CA ARG A 42 -6.31 -27.92 1.26
C ARG A 42 -5.93 -26.86 2.27
N TYR A 43 -6.90 -26.07 2.71
CA TYR A 43 -6.66 -24.92 3.59
C TYR A 43 -7.75 -24.78 4.65
N VAL A 44 -7.39 -24.91 5.93
CA VAL A 44 -8.34 -24.77 7.03
C VAL A 44 -8.55 -23.30 7.39
N ARG A 45 -9.80 -22.86 7.42
CA ARG A 45 -10.16 -21.49 7.77
C ARG A 45 -9.97 -21.22 9.26
N GLY A 46 -8.86 -20.55 9.58
CA GLY A 46 -8.56 -20.11 10.93
C GLY A 46 -9.19 -18.78 11.28
N ARG A 47 -8.55 -18.09 12.21
CA ARG A 47 -9.07 -16.87 12.84
C ARG A 47 -9.44 -15.76 11.83
N PHE A 48 -10.56 -15.06 12.11
CA PHE A 48 -11.06 -14.00 11.24
C PHE A 48 -10.28 -12.69 11.43
N LEU A 49 -9.78 -12.12 10.32
CA LEU A 49 -8.93 -10.93 10.33
C LEU A 49 -9.64 -9.61 10.03
N GLY A 50 -10.69 -9.62 9.22
CA GLY A 50 -11.47 -8.41 8.95
C GLY A 50 -12.00 -8.26 7.55
N LYS A 51 -13.05 -7.46 7.39
CA LYS A 51 -13.70 -7.25 6.11
C LYS A 51 -13.24 -5.94 5.47
N GLY A 52 -12.94 -5.99 4.18
CA GLY A 52 -12.69 -4.80 3.39
C GLY A 52 -13.46 -4.88 2.09
N GLY A 53 -14.47 -4.02 1.94
CA GLY A 53 -15.32 -4.02 0.76
C GLY A 53 -16.06 -5.34 0.64
N PHE A 54 -15.76 -6.10 -0.40
CA PHE A 54 -16.44 -7.38 -0.66
C PHE A 54 -15.83 -8.54 0.14
N ALA A 55 -14.50 -8.60 0.18
CA ALA A 55 -13.78 -9.75 0.74
C ALA A 55 -13.78 -9.81 2.27
N LYS A 56 -14.09 -10.98 2.80
CA LYS A 56 -13.79 -11.33 4.19
C LYS A 56 -12.43 -12.02 4.21
N CYS A 57 -11.52 -11.54 5.06
CA CYS A 57 -10.15 -12.06 5.14
C CYS A 57 -9.97 -12.94 6.38
N PHE A 58 -9.18 -14.01 6.25
CA PHE A 58 -9.00 -15.02 7.30
C PHE A 58 -7.57 -15.58 7.31
N GLU A 59 -7.04 -15.87 8.49
CA GLU A 59 -5.87 -16.74 8.59
C GLU A 59 -6.28 -18.13 8.06
N ILE A 60 -5.43 -18.72 7.23
CA ILE A 60 -5.71 -20.03 6.64
C ILE A 60 -4.46 -20.91 6.64
N SER A 61 -4.64 -22.19 6.92
CA SER A 61 -3.51 -23.08 7.11
C SER A 61 -3.56 -24.22 6.12
N ASP A 62 -2.46 -24.46 5.43
CA ASP A 62 -2.30 -25.72 4.69
C ASP A 62 -2.48 -26.86 5.71
N ALA A 63 -3.37 -27.80 5.41
CA ALA A 63 -3.65 -28.91 6.32
C ALA A 63 -2.42 -29.83 6.46
N ASP A 64 -1.61 -29.86 5.39
CA ASP A 64 -0.45 -30.73 5.28
C ASP A 64 0.83 -29.99 5.67
N THR A 65 0.99 -28.78 5.13
CA THR A 65 2.23 -27.99 5.34
C THR A 65 2.19 -27.13 6.61
N LYS A 66 0.98 -26.87 7.13
CA LYS A 66 0.76 -26.12 8.38
C LYS A 66 1.11 -24.63 8.34
N GLU A 67 1.65 -24.18 7.20
CA GLU A 67 2.06 -22.80 6.98
C GLU A 67 0.81 -21.92 6.89
N VAL A 68 0.90 -20.71 7.41
CA VAL A 68 -0.25 -19.81 7.53
C VAL A 68 -0.21 -18.73 6.47
N PHE A 69 -1.36 -18.41 5.90
CA PHE A 69 -1.52 -17.39 4.85
C PHE A 69 -2.68 -16.45 5.18
N ALA A 70 -2.73 -15.31 4.50
CA ALA A 70 -3.93 -14.50 4.48
C ALA A 70 -4.81 -15.02 3.36
N GLY A 71 -6.10 -15.14 3.62
CA GLY A 71 -7.06 -15.66 2.67
C GLY A 71 -8.10 -14.60 2.39
N LYS A 72 -8.03 -14.00 1.21
CA LYS A 72 -9.06 -13.08 0.72
C LYS A 72 -10.22 -13.91 0.15
N ILE A 73 -11.44 -13.67 0.62
CA ILE A 73 -12.60 -14.48 0.22
C ILE A 73 -13.76 -13.58 -0.19
N VAL A 74 -14.01 -13.46 -1.50
CA VAL A 74 -15.14 -12.68 -1.99
C VAL A 74 -16.28 -13.59 -2.46
N PRO A 75 -17.52 -13.29 -2.08
CA PRO A 75 -18.66 -14.02 -2.64
C PRO A 75 -18.99 -13.53 -4.06
N LYS A 76 -19.36 -14.45 -4.94
CA LYS A 76 -19.67 -14.12 -6.34
C LYS A 76 -21.02 -13.41 -6.47
N SER A 77 -21.85 -13.47 -5.44
CA SER A 77 -23.09 -12.71 -5.38
C SER A 77 -22.86 -11.20 -5.34
N LEU A 78 -21.59 -10.79 -5.16
CA LEU A 78 -21.21 -9.38 -5.18
C LEU A 78 -20.40 -9.03 -6.44
N LEU A 79 -20.16 -10.03 -7.28
CA LEU A 79 -19.55 -9.84 -8.61
C LEU A 79 -20.54 -10.15 -9.74
N LEU A 80 -21.80 -9.76 -9.55
CA LEU A 80 -22.83 -9.98 -10.56
C LEU A 80 -22.60 -9.21 -11.86
N LYS A 81 -21.74 -8.19 -11.82
CA LYS A 81 -21.55 -7.29 -12.94
C LYS A 81 -20.24 -7.64 -13.63
N PRO A 82 -20.27 -7.82 -14.96
CA PRO A 82 -19.05 -8.08 -15.74
C PRO A 82 -17.86 -7.16 -15.45
N HIS A 83 -18.12 -5.87 -15.25
CA HIS A 83 -17.07 -4.88 -15.03
C HIS A 83 -16.41 -5.09 -13.65
N GLN A 84 -17.18 -5.49 -12.65
CA GLN A 84 -16.61 -5.84 -11.34
C GLN A 84 -15.74 -7.11 -11.45
N ARG A 85 -16.09 -8.01 -12.35
CA ARG A 85 -15.29 -9.21 -12.59
C ARG A 85 -13.99 -8.88 -13.32
N GLU A 86 -14.06 -7.97 -14.30
CA GLU A 86 -12.89 -7.54 -15.05
C GLU A 86 -11.90 -6.81 -14.15
N LYS A 87 -12.40 -6.00 -13.22
CA LYS A 87 -11.53 -5.27 -12.29
C LYS A 87 -10.80 -6.25 -11.37
N MET A 88 -11.47 -7.34 -10.99
CA MET A 88 -10.94 -8.36 -10.12
C MET A 88 -9.93 -9.26 -10.84
N SER A 89 -10.13 -9.42 -12.14
CA SER A 89 -9.23 -10.19 -12.99
C SER A 89 -7.93 -9.45 -13.20
N MET A 90 -8.03 -8.14 -13.42
CA MET A 90 -6.86 -7.31 -13.66
C MET A 90 -5.98 -7.24 -12.43
N GLU A 91 -6.63 -7.19 -11.27
CA GLU A 91 -5.97 -7.15 -9.97
C GLU A 91 -5.12 -8.40 -9.75
N ILE A 92 -5.69 -9.56 -10.07
CA ILE A 92 -5.02 -10.83 -9.87
C ILE A 92 -3.89 -10.99 -10.89
N SER A 93 -4.19 -10.76 -12.14
CA SER A 93 -3.18 -10.73 -13.20
C SER A 93 -1.98 -9.83 -12.86
N ILE A 94 -2.21 -8.66 -12.29
CA ILE A 94 -1.14 -7.73 -11.94
C ILE A 94 -0.44 -8.23 -10.69
N HIS A 95 -1.23 -8.55 -9.67
CA HIS A 95 -0.67 -8.88 -8.38
C HIS A 95 0.13 -10.19 -8.44
N ARG A 96 -0.34 -11.17 -9.24
CA ARG A 96 0.30 -12.50 -9.30
C ARG A 96 1.61 -12.50 -10.10
N SER A 97 1.74 -11.51 -10.97
CA SER A 97 2.96 -11.30 -11.74
C SER A 97 4.12 -10.76 -10.91
N LEU A 98 3.89 -10.55 -9.61
CA LEU A 98 4.82 -9.82 -8.75
C LEU A 98 5.37 -10.69 -7.62
N ALA A 99 6.69 -10.65 -7.44
CA ALA A 99 7.35 -11.21 -6.27
C ALA A 99 8.48 -10.28 -5.83
N HIS A 100 8.38 -9.78 -4.60
CA HIS A 100 9.40 -8.88 -4.05
C HIS A 100 9.31 -8.90 -2.52
N GLN A 101 10.41 -8.56 -1.86
CA GLN A 101 10.48 -8.53 -0.40
C GLN A 101 9.45 -7.56 0.21
N HIS A 102 9.22 -6.42 -0.45
CA HIS A 102 8.31 -5.42 0.08
C HIS A 102 7.02 -5.28 -0.73
N VAL A 103 6.60 -6.41 -1.33
CA VAL A 103 5.26 -6.57 -1.89
C VAL A 103 4.63 -7.82 -1.26
N VAL A 104 3.36 -7.72 -0.87
CA VAL A 104 2.64 -8.87 -0.35
C VAL A 104 2.75 -10.00 -1.36
N GLY A 105 3.37 -11.09 -0.95
CA GLY A 105 3.54 -12.24 -1.81
C GLY A 105 2.20 -12.77 -2.29
N PHE A 106 2.10 -13.08 -3.59
CA PHE A 106 0.91 -13.69 -4.14
C PHE A 106 1.15 -15.20 -4.24
N HIS A 107 0.40 -15.99 -3.49
CA HIS A 107 0.64 -17.43 -3.45
C HIS A 107 -0.45 -18.29 -4.14
N GLY A 108 -1.37 -17.65 -4.86
CA GLY A 108 -2.33 -18.36 -5.69
C GLY A 108 -3.79 -18.04 -5.41
N PHE A 109 -4.67 -18.44 -6.33
CA PHE A 109 -6.10 -18.18 -6.21
C PHE A 109 -6.92 -19.30 -6.82
N PHE A 110 -8.17 -19.40 -6.40
CA PHE A 110 -9.07 -20.40 -6.92
C PHE A 110 -10.52 -20.07 -6.55
N GLU A 111 -11.45 -20.84 -7.10
CA GLU A 111 -12.87 -20.54 -6.94
C GLU A 111 -13.73 -21.80 -7.01
N ASP A 112 -14.89 -21.73 -6.37
CA ASP A 112 -15.96 -22.69 -6.61
C ASP A 112 -17.14 -21.91 -7.24
N ASN A 113 -18.36 -22.42 -7.14
CA ASN A 113 -19.52 -21.75 -7.73
C ASN A 113 -19.91 -20.47 -7.00
N ASP A 114 -19.60 -20.42 -5.70
CA ASP A 114 -20.07 -19.34 -4.82
C ASP A 114 -19.02 -18.31 -4.39
N PHE A 115 -17.73 -18.64 -4.52
CA PHE A 115 -16.67 -17.83 -3.92
C PHE A 115 -15.40 -17.72 -4.77
N VAL A 116 -14.68 -16.62 -4.59
CA VAL A 116 -13.31 -16.49 -5.09
C VAL A 116 -12.35 -16.49 -3.89
N PHE A 117 -11.17 -17.07 -4.09
CA PHE A 117 -10.21 -17.32 -3.02
C PHE A 117 -8.83 -16.82 -3.46
N VAL A 118 -8.23 -15.94 -2.66
CA VAL A 118 -6.86 -15.48 -2.91
C VAL A 118 -6.01 -15.83 -1.71
N VAL A 119 -4.84 -16.42 -1.97
CA VAL A 119 -3.93 -16.88 -0.95
C VAL A 119 -2.72 -15.94 -1.02
N LEU A 120 -2.47 -15.25 0.08
CA LEU A 120 -1.47 -14.18 0.11
C LEU A 120 -0.49 -14.37 1.27
N GLU A 121 0.66 -13.72 1.18
CA GLU A 121 1.58 -13.61 2.29
C GLU A 121 0.86 -12.94 3.48
N LEU A 122 0.81 -13.67 4.59
CA LEU A 122 0.23 -13.18 5.84
C LEU A 122 1.13 -12.10 6.45
N CYS A 123 0.48 -11.03 6.91
CA CYS A 123 1.15 -9.92 7.58
C CYS A 123 0.47 -9.72 8.92
N ARG A 124 1.06 -10.33 9.95
CA ARG A 124 0.40 -10.49 11.26
C ARG A 124 0.20 -9.19 12.01
N ARG A 125 1.04 -8.19 11.77
CA ARG A 125 0.92 -6.90 12.46
C ARG A 125 0.19 -5.83 11.62
N ARG A 126 -0.77 -6.26 10.81
CA ARG A 126 -1.71 -5.32 10.18
C ARG A 126 -0.99 -4.28 9.30
N SER A 127 -1.49 -3.04 9.23
CA SER A 127 -0.88 -2.04 8.35
C SER A 127 -0.33 -0.82 9.10
N LEU A 128 0.30 0.08 8.35
CA LEU A 128 0.82 1.34 8.90
C LEU A 128 -0.30 2.28 9.36
N LEU A 129 -1.54 2.06 8.92
CA LEU A 129 -2.67 2.86 9.38
C LEU A 129 -2.92 2.63 10.86
N GLU A 130 -2.86 1.36 11.26
CA GLU A 130 -3.11 0.97 12.65
C GLU A 130 -1.99 1.48 13.53
N LEU A 131 -0.76 1.34 13.05
CA LEU A 131 0.41 1.88 13.73
C LEU A 131 0.29 3.39 13.93
N HIS A 132 -0.17 4.09 12.90
CA HIS A 132 -0.27 5.55 12.94
C HIS A 132 -1.37 6.00 13.87
N LYS A 133 -2.44 5.21 13.95
CA LYS A 133 -3.55 5.52 14.85
C LYS A 133 -3.08 5.42 16.31
N ARG A 134 -2.14 4.51 16.58
CA ARG A 134 -1.64 4.30 17.93
C ARG A 134 -0.44 5.19 18.28
N ARG A 135 0.32 5.67 17.30
CA ARG A 135 1.59 6.38 17.56
C ARG A 135 1.59 7.83 17.09
N LYS A 136 0.79 8.13 16.06
CA LYS A 136 0.85 9.41 15.36
C LYS A 136 2.29 9.65 14.89
N ALA A 137 2.72 10.90 14.78
CA ALA A 137 4.09 11.21 14.38
C ALA A 137 5.09 10.21 14.93
N LEU A 138 5.78 9.50 14.03
CA LEU A 138 6.88 8.60 14.42
C LEU A 138 8.18 9.36 14.59
N THR A 139 9.18 8.71 15.18
CA THR A 139 10.53 9.27 15.20
C THR A 139 11.03 9.32 13.76
N GLU A 140 11.99 10.19 13.50
CA GLU A 140 12.58 10.32 12.18
C GLU A 140 13.23 9.04 11.63
N PRO A 141 14.01 8.33 12.43
CA PRO A 141 14.62 7.08 11.96
C PRO A 141 13.58 6.00 11.65
N GLU A 142 12.48 5.98 12.38
CA GLU A 142 11.36 5.09 12.08
C GLU A 142 10.71 5.41 10.73
N ALA A 143 10.59 6.70 10.42
CA ALA A 143 10.04 7.14 9.14
C ALA A 143 10.98 6.78 8.00
N ARG A 144 12.27 7.07 8.14
CA ARG A 144 13.30 6.65 7.19
C ARG A 144 13.19 5.15 6.94
N TYR A 145 13.02 4.39 8.02
CA TYR A 145 13.06 2.92 7.94
C TYR A 145 11.90 2.43 7.07
N TYR A 146 10.68 2.82 7.43
CA TYR A 146 9.48 2.40 6.69
C TYR A 146 9.46 2.96 5.28
N LEU A 147 9.89 4.21 5.10
CA LEU A 147 9.89 4.85 3.78
C LEU A 147 10.91 4.23 2.81
N ARG A 148 12.02 3.72 3.33
CA ARG A 148 13.03 3.08 2.49
C ARG A 148 12.44 1.82 1.85
N GLN A 149 11.65 1.09 2.64
CA GLN A 149 11.10 -0.20 2.21
C GLN A 149 9.94 0.00 1.25
N ILE A 150 9.14 1.03 1.51
CA ILE A 150 8.03 1.39 0.65
C ILE A 150 8.56 1.81 -0.70
N VAL A 151 9.64 2.59 -0.68
CA VAL A 151 10.27 3.09 -1.89
C VAL A 151 10.86 1.91 -2.67
N LEU A 152 11.49 0.96 -1.99
CA LEU A 152 12.09 -0.22 -2.61
C LEU A 152 11.04 -1.08 -3.30
N GLY A 153 9.96 -1.35 -2.58
CA GLY A 153 8.82 -2.07 -3.11
C GLY A 153 8.25 -1.39 -4.33
N CYS A 154 8.10 -0.07 -4.25
CA CYS A 154 7.55 0.72 -5.33
C CYS A 154 8.51 0.89 -6.51
N GLN A 155 9.81 0.75 -6.26
CA GLN A 155 10.83 0.77 -7.33
C GLN A 155 10.71 -0.49 -8.20
N TYR A 156 10.43 -1.61 -7.55
CA TYR A 156 10.22 -2.87 -8.24
C TYR A 156 8.95 -2.85 -9.09
N LEU A 157 7.90 -2.23 -8.58
CA LEU A 157 6.65 -2.09 -9.31
C LEU A 157 6.86 -1.26 -10.58
N HIS A 158 7.67 -0.22 -10.46
CA HIS A 158 7.84 0.75 -11.54
C HIS A 158 8.73 0.24 -12.68
N ARG A 159 9.77 -0.54 -12.35
CA ARG A 159 10.56 -1.18 -13.40
C ARG A 159 9.76 -2.31 -14.05
N ASN A 160 8.78 -2.84 -13.32
CA ASN A 160 7.81 -3.82 -13.86
C ASN A 160 6.55 -3.13 -14.46
N ARG A 161 6.67 -1.81 -14.66
CA ARG A 161 5.69 -0.99 -15.37
C ARG A 161 4.32 -1.03 -14.71
N VAL A 162 4.32 -1.05 -13.37
CA VAL A 162 3.10 -1.03 -12.62
C VAL A 162 3.04 0.30 -11.87
N ILE A 163 1.89 0.97 -12.00
CA ILE A 163 1.53 2.05 -11.12
C ILE A 163 0.51 1.45 -10.18
N HIS A 164 0.72 1.59 -8.88
CA HIS A 164 -0.22 1.09 -7.86
C HIS A 164 -1.47 1.97 -7.80
N ARG A 165 -1.25 3.29 -7.69
CA ARG A 165 -2.30 4.32 -7.71
C ARG A 165 -3.10 4.55 -6.40
N ASP A 166 -2.89 3.71 -5.40
CA ASP A 166 -3.48 3.92 -4.10
C ASP A 166 -2.54 3.55 -2.94
N LEU A 167 -1.33 4.06 -3.00
CA LEU A 167 -0.43 3.90 -1.89
C LEU A 167 -0.93 4.73 -0.71
N LYS A 168 -1.16 4.05 0.38
CA LYS A 168 -1.64 4.69 1.59
C LYS A 168 -1.25 3.79 2.73
N LEU A 169 -1.46 4.27 3.95
CA LEU A 169 -1.02 3.57 5.14
C LEU A 169 -1.73 2.23 5.28
N GLY A 170 -3.00 2.18 4.90
CA GLY A 170 -3.81 0.98 5.02
C GLY A 170 -3.49 -0.08 3.98
N ASN A 171 -2.78 0.31 2.91
CA ASN A 171 -2.34 -0.61 1.85
C ASN A 171 -0.89 -1.03 2.09
N LEU A 172 -0.32 -0.66 3.23
CA LEU A 172 1.07 -0.96 3.52
C LEU A 172 1.15 -1.86 4.75
N PHE A 173 1.39 -3.15 4.52
CA PHE A 173 1.24 -4.15 5.57
C PHE A 173 2.56 -4.47 6.26
N LEU A 174 2.46 -4.92 7.50
CA LEU A 174 3.62 -5.22 8.32
C LEU A 174 3.61 -6.70 8.69
N ASN A 175 4.70 -7.39 8.40
CA ASN A 175 4.87 -8.76 8.90
C ASN A 175 5.36 -8.76 10.34
N GLU A 176 5.69 -9.93 10.86
CA GLU A 176 6.09 -10.08 12.26
C GLU A 176 7.39 -9.34 12.60
N ASP A 177 8.25 -9.12 11.60
CA ASP A 177 9.53 -8.42 11.75
C ASP A 177 9.46 -6.91 11.49
N LEU A 178 8.24 -6.40 11.29
CA LEU A 178 7.99 -4.99 10.91
C LEU A 178 8.64 -4.62 9.58
N GLU A 179 8.55 -5.54 8.62
CA GLU A 179 8.95 -5.28 7.25
C GLU A 179 7.70 -4.90 6.47
N VAL A 180 7.81 -3.89 5.62
CA VAL A 180 6.68 -3.37 4.85
C VAL A 180 6.38 -4.21 3.62
N LYS A 181 5.10 -4.43 3.37
CA LYS A 181 4.64 -5.19 2.21
C LYS A 181 3.47 -4.43 1.58
N ILE A 182 3.70 -3.92 0.37
CA ILE A 182 2.69 -3.21 -0.39
C ILE A 182 1.63 -4.21 -0.85
N GLY A 183 0.37 -3.91 -0.55
CA GLY A 183 -0.74 -4.75 -0.94
C GLY A 183 -1.81 -4.00 -1.69
N ASP A 184 -2.82 -4.74 -2.11
CA ASP A 184 -4.02 -4.19 -2.73
C ASP A 184 -3.77 -3.47 -4.08
N PHE A 185 -3.73 -4.28 -5.13
CA PHE A 185 -3.51 -3.79 -6.48
C PHE A 185 -4.83 -3.56 -7.20
N GLY A 186 -5.86 -3.17 -6.42
CA GLY A 186 -7.21 -3.00 -6.93
C GLY A 186 -7.37 -1.80 -7.85
N LEU A 187 -6.56 -0.76 -7.65
CA LEU A 187 -6.52 0.38 -8.57
C LEU A 187 -5.27 0.38 -9.44
N ALA A 188 -4.49 -0.69 -9.39
CA ALA A 188 -3.23 -0.76 -10.10
C ALA A 188 -3.43 -0.90 -11.61
N THR A 189 -2.46 -0.44 -12.38
CA THR A 189 -2.52 -0.51 -13.84
C THR A 189 -1.13 -0.78 -14.35
N LYS A 190 -1.04 -1.26 -15.58
CA LYS A 190 0.25 -1.48 -16.23
C LYS A 190 0.41 -0.47 -17.35
N VAL A 191 1.55 0.20 -17.38
CA VAL A 191 1.94 1.06 -18.50
C VAL A 191 2.41 0.16 -19.64
N GLU A 192 1.56 0.01 -20.66
CA GLU A 192 1.85 -0.87 -21.81
C GLU A 192 2.81 -0.29 -22.84
N TYR A 193 2.91 1.05 -22.93
CA TYR A 193 3.80 1.69 -23.92
C TYR A 193 4.41 3.02 -23.41
N ASP A 194 5.41 3.52 -24.14
CA ASP A 194 6.23 4.63 -23.66
C ASP A 194 5.53 5.98 -23.73
N GLY A 195 5.60 6.73 -22.63
CA GLY A 195 4.93 8.02 -22.52
C GLY A 195 3.41 7.91 -22.59
N GLU A 196 2.89 6.73 -22.23
CA GLU A 196 1.45 6.51 -22.14
C GLU A 196 0.93 7.25 -20.93
N ARG A 197 -0.13 8.03 -21.13
CA ARG A 197 -0.80 8.76 -20.07
C ARG A 197 -2.17 8.13 -19.82
N LYS A 198 -2.33 7.54 -18.65
CA LYS A 198 -3.59 6.92 -18.25
C LYS A 198 -4.66 8.01 -18.06
N LYS A 199 -5.85 7.75 -18.60
CA LYS A 199 -6.96 8.70 -18.49
C LYS A 199 -8.06 8.19 -17.55
N VAL A 200 -7.98 6.92 -17.15
CA VAL A 200 -9.05 6.25 -16.43
C VAL A 200 -8.57 5.67 -15.12
N LEU A 201 -9.32 5.94 -14.06
CA LEU A 201 -9.02 5.45 -12.74
C LEU A 201 -10.37 5.19 -12.09
N CYS A 202 -10.79 3.93 -12.17
CA CYS A 202 -12.06 3.50 -11.63
C CYS A 202 -11.87 3.15 -10.16
N GLY A 203 -12.14 4.13 -9.31
CA GLY A 203 -11.84 4.07 -7.89
C GLY A 203 -11.46 5.46 -7.39
N THR A 204 -11.28 5.59 -6.08
CA THR A 204 -10.92 6.88 -5.51
C THR A 204 -9.74 6.67 -4.59
N PRO A 205 -8.54 6.93 -5.07
CA PRO A 205 -7.35 6.93 -4.20
C PRO A 205 -7.50 7.87 -3.02
N ASN A 206 -6.91 7.47 -1.91
CA ASN A 206 -6.78 8.29 -0.73
C ASN A 206 -5.85 9.50 -0.95
N TYR A 207 -4.59 9.24 -1.31
CA TYR A 207 -3.60 10.30 -1.55
C TYR A 207 -3.49 10.56 -3.06
N ILE A 208 -4.59 11.07 -3.58
CA ILE A 208 -4.82 11.26 -5.01
C ILE A 208 -4.06 12.47 -5.53
N ALA A 209 -3.33 12.27 -6.64
CA ALA A 209 -2.45 13.31 -7.17
C ALA A 209 -3.26 14.39 -7.85
N PRO A 210 -2.72 15.60 -7.95
CA PRO A 210 -3.42 16.70 -8.63
C PRO A 210 -3.71 16.48 -10.11
N GLU A 211 -2.92 15.63 -10.78
CA GLU A 211 -3.10 15.39 -12.21
C GLU A 211 -4.20 14.34 -12.45
N VAL A 212 -4.49 13.55 -11.43
CA VAL A 212 -5.66 12.67 -11.45
C VAL A 212 -6.94 13.48 -11.31
N LEU A 213 -6.91 14.46 -10.40
CA LEU A 213 -8.08 15.30 -10.06
C LEU A 213 -8.48 16.25 -11.17
N SER A 214 -7.48 16.87 -11.78
CA SER A 214 -7.67 17.76 -12.92
C SER A 214 -7.84 16.97 -14.23
N LYS A 215 -7.70 15.64 -14.17
CA LYS A 215 -8.09 14.78 -15.28
C LYS A 215 -7.21 15.04 -16.52
N LYS A 216 -5.96 15.41 -16.27
CA LYS A 216 -5.02 15.82 -17.32
C LYS A 216 -4.30 14.65 -18.00
N GLY A 217 -4.33 13.48 -17.37
CA GLY A 217 -3.51 12.34 -17.76
C GLY A 217 -2.47 12.07 -16.67
N HIS A 218 -2.12 10.81 -16.48
CA HIS A 218 -1.21 10.44 -15.39
C HIS A 218 -0.46 9.14 -15.59
N SER A 219 0.67 9.02 -14.90
CA SER A 219 1.54 7.85 -14.96
C SER A 219 2.22 7.61 -13.61
N PHE A 220 3.50 7.25 -13.62
CA PHE A 220 4.24 6.78 -12.44
C PHE A 220 4.34 7.81 -11.31
N GLU A 221 4.42 9.08 -11.68
CA GLU A 221 4.60 10.18 -10.72
C GLU A 221 3.50 10.22 -9.67
N VAL A 222 2.34 9.70 -10.02
CA VAL A 222 1.23 9.54 -9.07
C VAL A 222 1.65 8.81 -7.80
N ASP A 223 2.48 7.78 -7.91
CA ASP A 223 2.92 7.01 -6.74
C ASP A 223 3.90 7.80 -5.88
N VAL A 224 4.71 8.63 -6.51
CA VAL A 224 5.67 9.45 -5.75
C VAL A 224 4.91 10.53 -4.96
N TRP A 225 3.86 11.09 -5.55
CA TRP A 225 3.01 12.04 -4.88
C TRP A 225 2.52 11.43 -3.58
N SER A 226 1.97 10.22 -3.68
CA SER A 226 1.37 9.53 -2.55
C SER A 226 2.39 9.17 -1.48
N ILE A 227 3.61 8.82 -1.87
CA ILE A 227 4.67 8.52 -0.90
C ILE A 227 5.09 9.79 -0.14
N GLY A 228 4.96 10.94 -0.79
CA GLY A 228 5.21 12.22 -0.15
C GLY A 228 4.16 12.56 0.87
N CYS A 229 2.92 12.15 0.62
CA CYS A 229 1.81 12.29 1.57
C CYS A 229 2.02 11.37 2.75
N ILE A 230 2.52 10.16 2.47
CA ILE A 230 2.84 9.16 3.49
C ILE A 230 3.98 9.64 4.38
N MET A 231 5.03 10.20 3.75
CA MET A 231 6.16 10.79 4.46
C MET A 231 5.71 11.90 5.42
N TYR A 232 4.87 12.80 4.93
CA TYR A 232 4.26 13.84 5.76
C TYR A 232 3.46 13.26 6.93
N THR A 233 2.62 12.27 6.68
CA THR A 233 1.71 11.77 7.71
C THR A 233 2.45 11.05 8.84
N LEU A 234 3.53 10.37 8.46
CA LEU A 234 4.33 9.58 9.37
C LEU A 234 5.20 10.48 10.25
N LEU A 235 5.58 11.64 9.72
CA LEU A 235 6.43 12.56 10.47
C LEU A 235 5.63 13.59 11.29
N VAL A 236 4.52 14.06 10.71
CA VAL A 236 3.72 15.13 11.27
C VAL A 236 2.59 14.57 12.16
N GLY A 237 2.13 13.38 11.85
CA GLY A 237 1.09 12.71 12.61
C GLY A 237 -0.32 13.02 12.14
N LYS A 238 -0.44 13.75 11.05
CA LYS A 238 -1.72 13.94 10.36
C LYS A 238 -1.46 14.11 8.86
N PRO A 239 -2.43 13.74 8.03
CA PRO A 239 -2.28 13.84 6.56
C PRO A 239 -2.19 15.28 6.05
N PRO A 240 -1.47 15.52 4.97
CA PRO A 240 -1.22 16.89 4.50
C PRO A 240 -2.42 17.74 4.04
N PHE A 241 -3.48 17.18 3.47
CA PHE A 241 -4.54 18.03 2.89
C PHE A 241 -5.93 17.85 3.52
N GLU A 242 -5.95 17.27 4.72
CA GLU A 242 -7.18 16.84 5.34
C GLU A 242 -8.08 18.01 5.70
N THR A 243 -9.36 17.88 5.38
CA THR A 243 -10.39 18.76 5.90
C THR A 243 -11.62 17.92 6.28
N SER A 244 -12.68 18.59 6.68
CA SER A 244 -13.94 17.93 6.98
C SER A 244 -14.68 17.48 5.72
N CYS A 245 -14.36 18.09 4.57
CA CYS A 245 -14.99 17.79 3.27
C CYS A 245 -13.98 17.31 2.24
N LEU A 246 -14.37 16.26 1.53
CA LEU A 246 -13.48 15.60 0.59
C LEU A 246 -13.19 16.46 -0.64
N LYS A 247 -14.20 17.23 -1.08
CA LYS A 247 -14.02 18.10 -2.24
C LYS A 247 -13.24 19.36 -1.86
N GLU A 248 -13.32 19.74 -0.59
CA GLU A 248 -12.46 20.81 -0.06
C GLU A 248 -11.03 20.33 0.00
N THR A 249 -10.82 19.10 0.44
CA THR A 249 -9.52 18.48 0.37
C THR A 249 -8.98 18.54 -1.08
N TYR A 250 -9.84 18.29 -2.06
CA TYR A 250 -9.40 18.27 -3.47
C TYR A 250 -9.03 19.65 -3.97
N LEU A 251 -9.66 20.69 -3.42
CA LEU A 251 -9.32 22.08 -3.74
C LEU A 251 -7.98 22.48 -3.16
N ARG A 252 -7.63 21.89 -2.01
CA ARG A 252 -6.30 22.10 -1.42
C ARG A 252 -5.25 21.39 -2.25
N ILE A 253 -5.54 20.21 -2.77
CA ILE A 253 -4.58 19.48 -3.60
C ILE A 253 -4.30 20.20 -4.93
N LYS A 254 -5.35 20.73 -5.56
CA LYS A 254 -5.24 21.54 -6.78
C LYS A 254 -4.36 22.78 -6.57
N LYS A 255 -4.62 23.53 -5.50
CA LYS A 255 -3.90 24.77 -5.20
C LYS A 255 -2.52 24.53 -4.59
N ASN A 256 -2.23 23.27 -4.24
CA ASN A 256 -1.02 22.89 -3.51
C ASN A 256 -0.94 23.50 -2.11
N GLU A 257 -2.08 23.47 -1.42
CA GLU A 257 -2.29 24.21 -0.20
C GLU A 257 -2.05 23.34 1.02
N TYR A 258 -0.81 23.31 1.46
CA TYR A 258 -0.40 22.64 2.69
C TYR A 258 0.77 23.37 3.35
N SER A 259 1.10 22.95 4.56
CA SER A 259 2.23 23.54 5.28
C SER A 259 2.92 22.47 6.14
N ILE A 260 4.21 22.66 6.39
CA ILE A 260 4.98 21.74 7.20
C ILE A 260 5.28 22.42 8.53
N PRO A 261 4.85 21.83 9.64
CA PRO A 261 5.18 22.36 10.97
C PRO A 261 6.67 22.61 11.10
N LYS A 262 7.04 23.63 11.89
CA LYS A 262 8.42 24.09 11.96
C LYS A 262 9.36 23.11 12.64
N HIS A 263 8.80 22.22 13.47
CA HIS A 263 9.61 21.24 14.20
C HIS A 263 10.14 20.12 13.31
N ILE A 264 9.52 19.92 12.14
CA ILE A 264 10.04 18.98 11.14
C ILE A 264 11.37 19.49 10.60
N ASN A 265 12.39 18.62 10.62
CA ASN A 265 13.74 19.01 10.25
C ASN A 265 13.80 19.49 8.80
N PRO A 266 14.77 20.34 8.46
CA PRO A 266 14.80 20.99 7.14
C PRO A 266 14.97 20.02 5.98
N VAL A 267 15.72 18.94 6.20
CA VAL A 267 16.05 17.97 5.16
C VAL A 267 14.86 17.09 4.85
N ALA A 268 14.13 16.70 5.88
CA ALA A 268 12.91 15.93 5.71
C ALA A 268 11.89 16.82 5.00
N ALA A 269 11.73 18.04 5.51
CA ALA A 269 10.79 19.00 4.96
C ALA A 269 11.02 19.20 3.48
N SER A 270 12.29 19.24 3.10
CA SER A 270 12.68 19.51 1.72
C SER A 270 12.34 18.34 0.79
N LEU A 271 12.51 17.10 1.25
CA LEU A 271 12.14 15.95 0.42
C LEU A 271 10.63 15.93 0.20
N ILE A 272 9.85 16.17 1.25
CA ILE A 272 8.39 16.24 1.12
C ILE A 272 8.02 17.24 0.03
N GLN A 273 8.58 18.45 0.10
CA GLN A 273 8.31 19.52 -0.87
C GLN A 273 8.57 19.10 -2.30
N LYS A 274 9.65 18.37 -2.53
CA LYS A 274 10.01 17.90 -3.87
C LYS A 274 8.96 16.93 -4.42
N MET A 275 8.44 16.07 -3.55
CA MET A 275 7.41 15.09 -3.92
C MET A 275 6.00 15.70 -4.07
N LEU A 276 5.69 16.71 -3.26
CA LEU A 276 4.36 17.32 -3.24
C LEU A 276 4.29 18.55 -4.17
N GLN A 277 4.74 18.38 -5.39
CA GLN A 277 4.65 19.42 -6.40
C GLN A 277 3.49 19.11 -7.34
N THR A 278 2.87 20.16 -7.85
CA THR A 278 1.72 20.00 -8.73
C THR A 278 2.14 19.40 -10.08
N ASP A 279 3.21 19.96 -10.66
CA ASP A 279 3.77 19.48 -11.91
C ASP A 279 4.40 18.11 -11.67
N PRO A 280 3.88 17.05 -12.31
CA PRO A 280 4.44 15.71 -12.11
C PRO A 280 5.88 15.59 -12.62
N THR A 281 6.21 16.31 -13.69
CA THR A 281 7.57 16.30 -14.25
C THR A 281 8.60 16.93 -13.28
N ALA A 282 8.13 17.80 -12.39
CA ALA A 282 8.99 18.43 -11.39
C ALA A 282 9.34 17.53 -10.20
N ARG A 283 8.53 16.51 -9.95
CA ARG A 283 8.79 15.54 -8.88
C ARG A 283 10.00 14.66 -9.24
N PRO A 284 10.64 14.07 -8.22
CA PRO A 284 11.69 13.08 -8.46
C PRO A 284 11.11 11.72 -8.84
N THR A 285 11.87 10.94 -9.60
CA THR A 285 11.54 9.56 -9.93
C THR A 285 11.65 8.66 -8.70
N ILE A 286 11.03 7.48 -8.76
CA ILE A 286 11.13 6.52 -7.67
C ILE A 286 12.58 6.07 -7.45
N ASN A 287 13.36 6.00 -8.52
CA ASN A 287 14.74 5.57 -8.41
C ASN A 287 15.72 6.71 -8.01
N GLU A 288 15.20 7.93 -7.88
CA GLU A 288 15.95 9.09 -7.35
C GLU A 288 15.88 9.15 -5.83
N LEU A 289 14.71 8.78 -5.30
CA LEU A 289 14.33 8.95 -3.91
C LEU A 289 15.31 8.47 -2.83
N LEU A 290 15.81 7.23 -2.94
CA LEU A 290 16.69 6.67 -1.90
C LEU A 290 18.05 7.32 -1.83
N ASN A 291 18.39 8.10 -2.86
CA ASN A 291 19.64 8.85 -2.87
C ASN A 291 19.50 10.29 -2.40
N ASP A 292 18.32 10.63 -1.90
CA ASP A 292 18.09 11.92 -1.29
C ASP A 292 18.85 11.98 0.02
N GLU A 293 19.27 13.20 0.39
CA GLU A 293 20.02 13.44 1.63
C GLU A 293 19.32 12.86 2.86
N PHE A 294 17.99 12.91 2.86
CA PHE A 294 17.14 12.35 3.92
C PHE A 294 17.49 10.91 4.26
N PHE A 295 17.77 10.11 3.24
CA PHE A 295 18.16 8.72 3.42
C PHE A 295 19.67 8.58 3.65
N THR A 296 20.48 9.09 2.73
CA THR A 296 21.95 8.83 2.73
C THR A 296 22.72 9.37 3.94
N SER A 297 22.15 10.36 4.63
CA SER A 297 22.86 11.05 5.71
C SER A 297 22.08 11.06 7.01
N GLY A 298 21.05 10.20 7.12
CA GLY A 298 20.33 10.02 8.36
C GLY A 298 20.46 8.60 8.89
N TYR A 299 20.24 8.43 10.20
CA TYR A 299 20.29 7.10 10.78
C TYR A 299 19.09 6.26 10.33
N ILE A 300 19.37 5.16 9.64
CA ILE A 300 18.38 4.15 9.27
C ILE A 300 18.63 2.89 10.09
N PRO A 301 17.72 2.54 11.00
CA PRO A 301 17.86 1.28 11.72
C PRO A 301 17.74 0.07 10.77
N ALA A 302 18.45 -1.01 11.10
CA ALA A 302 18.40 -2.24 10.31
C ALA A 302 17.08 -2.97 10.52
N ARG A 303 16.54 -2.82 11.73
CA ARG A 303 15.26 -3.43 12.11
C ARG A 303 14.67 -2.70 13.31
N LEU A 304 13.37 -2.85 13.52
CA LEU A 304 12.70 -2.25 14.67
C LEU A 304 12.18 -3.33 15.62
N PRO A 305 12.35 -3.14 16.92
CA PRO A 305 11.76 -4.07 17.90
C PRO A 305 10.24 -3.97 17.88
N ILE A 306 9.54 -5.00 18.38
CA ILE A 306 8.07 -4.99 18.38
C ILE A 306 7.51 -3.84 19.20
N THR A 307 8.24 -3.42 20.23
CA THR A 307 7.83 -2.28 21.06
C THR A 307 7.47 -1.03 20.26
N CYS A 308 8.05 -0.86 19.07
CA CYS A 308 7.78 0.29 18.22
C CYS A 308 6.34 0.40 17.73
N LEU A 309 5.58 -0.68 17.81
CA LEU A 309 4.13 -0.62 17.56
C LEU A 309 3.41 0.33 18.54
N THR A 310 3.99 0.44 19.74
CA THR A 310 3.34 1.02 20.91
C THR A 310 4.15 2.16 21.56
N ILE A 311 5.47 2.04 21.57
CA ILE A 311 6.35 2.94 22.31
C ILE A 311 7.43 3.53 21.41
N PRO A 312 7.57 4.86 21.45
CA PRO A 312 8.64 5.53 20.70
C PRO A 312 10.02 4.95 21.04
N PRO A 313 10.76 4.43 20.05
CA PRO A 313 12.12 3.99 20.29
C PRO A 313 13.05 5.15 20.59
N ARG A 314 14.02 4.93 21.47
CA ARG A 314 15.06 5.93 21.73
C ARG A 314 16.30 5.72 20.87
N PHE A 315 16.53 4.49 20.42
CA PHE A 315 17.71 4.13 19.62
C PHE A 315 19.02 4.41 20.35
N SER A 316 19.14 3.83 21.54
CA SER A 316 20.34 3.95 22.34
C SER A 316 21.48 3.11 21.77
N ILE A 317 22.69 3.37 22.26
CA ILE A 317 23.86 2.54 22.00
C ILE A 317 24.04 1.48 23.10
N ALA A 318 23.43 1.70 24.28
CA ALA A 318 23.47 0.74 25.38
C ALA A 318 22.90 -0.62 24.98
ZN ZN B . -15.50 1.50 -13.66
C ACT C . -18.03 1.37 -12.06
O ACT C . -17.41 1.83 -13.05
OXT ACT C . -17.44 0.91 -11.07
CH3 ACT C . -19.54 1.35 -12.07
C ACT D . -4.52 5.83 4.87
O ACT D . -3.44 6.46 4.60
OXT ACT D . -4.68 4.61 4.61
CH3 ACT D . -5.64 6.57 5.53
MG MG E . -10.78 -2.20 4.54
MG MG F . -8.73 -4.83 -3.96
PG ANP G . -9.81 -0.87 -3.95
PG ANP G . -8.41 -0.26 3.74
O1G ANP G . -9.34 -0.07 -2.70
O1G ANP G . -7.16 0.64 3.83
O2G ANP G . -11.33 -1.13 -3.98
O2G ANP G . -8.62 -1.09 5.02
O3G ANP G . -9.01 -0.74 -5.28
O3G ANP G . -9.64 0.18 2.88
PB ANP G . -9.99 -2.70 -1.63
PB ANP G . -7.57 -1.50 1.19
O1B ANP G . -10.61 -1.50 -0.84
O1B ANP G . -7.46 -0.14 0.43
O2B ANP G . -10.94 -3.81 -2.21
O2B ANP G . -6.38 -2.52 1.21
N3B ANP G . -9.42 -2.35 -3.22
N3B ANP G . -7.53 -1.42 2.91
PA ANP G . -9.72 -4.43 0.41
PA ANP G . -9.60 -3.44 1.48
O1A ANP G . -9.95 -5.81 -0.28
O1A ANP G . -10.64 -4.05 0.47
O2A ANP G . -10.96 -3.66 0.96
O2A ANP G . -10.12 -2.80 2.80
O3A ANP G . -8.98 -3.56 -0.72
O3A ANP G . -8.78 -2.39 0.56
O5' ANP G . -8.74 -4.74 1.63
O5' ANP G . -8.61 -4.67 1.78
C5' ANP G . -9.01 -5.93 2.38
C4' ANP G . -8.69 -5.95 3.89
O4' ANP G . -8.23 -7.28 4.21
C3' ANP G . -7.64 -4.95 4.45
O3' ANP G . -8.12 -3.75 4.99
C2' ANP G . -6.95 -5.78 5.54
O2' ANP G . -7.76 -5.89 6.69
C1' ANP G . -6.92 -7.03 4.66
N9 ANP G . -5.70 -7.78 4.35
C8 ANP G . -5.21 -7.99 3.07
N7 ANP G . -4.10 -8.67 3.03
C5 ANP G . -3.83 -8.92 4.37
C6 ANP G . -2.79 -9.61 5.00
N6 ANP G . -1.81 -10.16 4.30
N1 ANP G . -2.77 -9.70 6.34
C2 ANP G . -3.76 -9.13 7.05
N3 ANP G . -4.81 -8.45 6.56
C4 ANP G . -4.79 -8.38 5.20
#